data_9KGI
#
_entry.id   9KGI
#
_cell.length_a   1.00
_cell.length_b   1.00
_cell.length_c   1.00
_cell.angle_alpha   90.00
_cell.angle_beta   90.00
_cell.angle_gamma   90.00
#
_symmetry.space_group_name_H-M   'P 1'
#
loop_
_entity.id
_entity.type
_entity.pdbx_description
1 polymer 'Capsid protein'
2 branched alpha-L-fucopyranose-(1-2)-[alpha-D-galactopyranose-(1-3)]alpha-D-galactopyranose
#
_entity_poly.entity_id   1
_entity_poly.type   'polypeptide(L)'
_entity_poly.pdbx_seq_one_letter_code
;MESTTEVTGATGVVTNVAAAPLPEATSSMSLAPTVNSIDPWIFLNPTEVPGGTFTVASNTQPGTMLLDIEISPELNIFTA
HMFRMYAGWSGGFAIKLLVAGNAFSAGKLIVAIIPPNVQVPNSAYLLTGFPHEILDFRTADQVEIIAPDIKNLDYHFRGD
KLGRLVVMVYSPLRSTATDFEIEIKLLSAPLPDFKFTMLVPPVQNNALPIWQIPPTPPGAMVNPRSPLTPVVDLYINSSW
TTCNHQLGRYTIDGGAIGNSTFNPSGLWTGTFTAESGSVSGQTNWRIAMLDNPYNPTSDPTLPPVPRGFCDWGSGVKSGA
RQHLVCFTGVETDNGEGYKDVDAHMWDYGDDATIGLDNTYQRQIYISDPTALDSGKRYIIIPMGASGSATDDTLQISPNC
YGSWDYAPTIAPPLGEQIVWFRSYLPASSTSASSGVNSVSAHISSLMSPDLIRSAYVSGFPEGKAALLDYVLYGGSVVEQ
FKMYREGYLTANATGTNTGFIIPPDGYFRFNSWVSPTFVIGNVVDLSSSRSLTFH
;
_entity_poly.pdbx_strand_id   A,B
#
loop_
_chem_comp.id
_chem_comp.type
_chem_comp.name
_chem_comp.formula
FUC L-saccharide, alpha linking alpha-L-fucopyranose 'C6 H12 O5'
GLA D-saccharide, alpha linking alpha-D-galactopyranose 'C6 H12 O6'
#
# COMPACT_ATOMS: atom_id res chain seq x y z
N PRO A 209 -19.17 22.02 19.24
CA PRO A 209 -17.99 21.20 18.94
C PRO A 209 -17.43 21.53 17.58
N ILE A 210 -16.11 21.67 17.50
CA ILE A 210 -15.49 22.03 16.26
C ILE A 210 -14.65 20.88 15.74
N TRP A 211 -14.27 20.93 14.48
CA TRP A 211 -13.46 19.89 13.88
C TRP A 211 -12.18 20.49 13.36
N GLN A 212 -11.06 20.06 13.90
CA GLN A 212 -9.78 20.53 13.38
C GLN A 212 -9.23 19.49 12.40
N ILE A 213 -8.92 19.94 11.20
CA ILE A 213 -8.44 19.08 10.12
C ILE A 213 -6.95 19.36 9.91
N PRO A 214 -6.08 18.36 9.99
CA PRO A 214 -4.67 18.59 9.64
C PRO A 214 -4.53 19.01 8.19
N PRO A 215 -3.58 19.90 7.89
CA PRO A 215 -3.40 20.38 6.52
C PRO A 215 -2.66 19.42 5.60
N THR A 216 -3.18 18.19 5.50
CA THR A 216 -2.58 17.17 4.66
C THR A 216 -3.17 17.24 3.26
N PRO A 217 -2.37 17.46 2.22
CA PRO A 217 -2.92 17.54 0.87
C PRO A 217 -3.42 16.17 0.42
N PRO A 218 -4.39 16.13 -0.49
CA PRO A 218 -4.85 14.83 -1.02
C PRO A 218 -3.77 14.04 -1.73
N GLY A 219 -2.72 14.70 -2.21
CA GLY A 219 -1.62 13.97 -2.82
C GLY A 219 -0.85 13.13 -1.82
N ALA A 220 -1.03 13.41 -0.53
CA ALA A 220 -0.42 12.62 0.55
C ALA A 220 -1.42 11.70 1.21
N MET A 221 -2.51 11.36 0.52
CA MET A 221 -3.52 10.45 1.04
C MET A 221 -3.57 9.20 0.18
N VAL A 222 -3.95 8.10 0.79
CA VAL A 222 -3.99 6.80 0.13
C VAL A 222 -5.32 6.65 -0.61
N ASN A 223 -5.26 6.04 -1.80
CA ASN A 223 -6.46 5.76 -2.56
C ASN A 223 -6.97 4.38 -2.13
N PRO A 224 -8.12 4.29 -1.46
CA PRO A 224 -8.55 2.99 -0.92
C PRO A 224 -8.84 1.94 -1.99
N ARG A 225 -9.44 2.33 -3.10
CA ARG A 225 -9.83 1.38 -4.14
C ARG A 225 -8.69 1.08 -5.10
N SER A 226 -7.52 1.70 -4.92
CA SER A 226 -6.37 1.43 -5.75
C SER A 226 -5.08 1.86 -5.05
N PRO A 227 -4.59 1.10 -4.07
CA PRO A 227 -3.28 1.42 -3.48
C PRO A 227 -2.17 1.27 -4.50
N LEU A 228 -0.93 1.58 -4.09
CA LEU A 228 0.23 1.57 -4.98
C LEU A 228 0.10 2.59 -6.11
N THR A 229 -0.74 3.60 -5.91
CA THR A 229 -0.95 4.64 -6.90
C THR A 229 -1.36 5.93 -6.20
N PRO A 230 -0.51 6.95 -6.21
CA PRO A 230 -0.83 8.19 -5.49
C PRO A 230 -2.01 8.91 -6.12
N VAL A 231 -2.69 9.70 -5.30
CA VAL A 231 -3.83 10.49 -5.77
C VAL A 231 -3.32 11.58 -6.71
N VAL A 232 -3.84 11.58 -7.93
CA VAL A 232 -3.39 12.53 -8.94
C VAL A 232 -4.20 13.82 -8.89
N ASP A 233 -5.53 13.72 -8.89
CA ASP A 233 -6.39 14.89 -8.92
C ASP A 233 -7.62 14.63 -8.06
N LEU A 234 -8.47 15.65 -7.97
CA LEU A 234 -9.84 15.48 -7.48
C LEU A 234 -10.75 15.55 -8.70
N TYR A 235 -11.51 14.48 -8.92
CA TYR A 235 -12.29 14.31 -10.14
C TYR A 235 -13.76 14.43 -9.79
N ILE A 236 -14.49 15.22 -10.56
CA ILE A 236 -15.93 15.38 -10.41
C ILE A 236 -16.56 15.24 -11.79
N ASN A 237 -17.46 14.27 -11.94
CA ASN A 237 -18.05 13.95 -13.22
C ASN A 237 -19.58 14.04 -13.11
N SER A 238 -20.20 14.64 -14.12
CA SER A 238 -21.64 14.86 -14.09
C SER A 238 -22.42 13.57 -14.33
N SER A 239 -21.88 12.65 -15.13
CA SER A 239 -22.58 11.41 -15.44
C SER A 239 -22.48 10.37 -14.33
N TRP A 240 -21.67 10.61 -13.30
CA TRP A 240 -21.54 9.70 -12.17
C TRP A 240 -22.43 10.23 -11.04
N THR A 241 -23.59 9.60 -10.87
CA THR A 241 -24.55 10.01 -9.85
C THR A 241 -24.77 8.93 -8.79
N THR A 242 -23.84 7.98 -8.68
CA THR A 242 -23.97 6.91 -7.70
C THR A 242 -22.61 6.27 -7.47
N CYS A 243 -22.53 5.45 -6.44
CA CYS A 243 -21.33 4.66 -6.17
C CYS A 243 -21.77 3.39 -5.45
N ASN A 244 -21.68 2.25 -6.16
CA ASN A 244 -21.96 0.95 -5.59
C ASN A 244 -20.70 0.23 -5.15
N HIS A 245 -19.68 0.98 -4.72
CA HIS A 245 -18.40 0.40 -4.36
C HIS A 245 -18.46 -0.21 -2.96
N GLN A 246 -17.62 -1.23 -2.75
CA GLN A 246 -17.45 -1.82 -1.44
C GLN A 246 -16.13 -1.46 -0.79
N LEU A 247 -15.26 -0.75 -1.50
CA LEU A 247 -13.99 -0.29 -0.96
C LEU A 247 -13.98 1.23 -0.92
N GLY A 248 -13.42 1.80 0.15
CA GLY A 248 -13.47 3.22 0.36
C GLY A 248 -14.73 3.72 1.01
N ARG A 249 -15.58 2.83 1.52
CA ARG A 249 -16.82 3.21 2.17
C ARG A 249 -16.57 3.38 3.66
N TYR A 250 -16.75 4.61 4.16
CA TYR A 250 -16.57 4.92 5.56
C TYR A 250 -17.77 5.73 6.05
N THR A 251 -18.08 5.58 7.34
CA THR A 251 -19.19 6.28 7.95
C THR A 251 -18.72 6.92 9.25
N ILE A 252 -19.29 8.07 9.57
CA ILE A 252 -18.91 8.79 10.78
C ILE A 252 -19.29 7.99 12.02
N ASP A 253 -20.48 7.42 12.04
CA ASP A 253 -20.97 6.68 13.20
C ASP A 253 -20.71 5.18 13.12
N GLY A 254 -20.79 4.60 11.92
CA GLY A 254 -20.62 3.17 11.76
C GLY A 254 -19.20 2.68 11.53
N GLY A 255 -18.23 3.58 11.46
CA GLY A 255 -16.87 3.16 11.19
C GLY A 255 -16.67 2.75 9.73
N ALA A 256 -15.80 1.77 9.52
CA ALA A 256 -15.55 1.23 8.19
C ALA A 256 -16.72 0.33 7.80
N ILE A 257 -17.58 0.84 6.93
CA ILE A 257 -18.81 0.16 6.56
C ILE A 257 -18.57 -0.61 5.26
N GLY A 258 -19.46 -1.54 4.96
CA GLY A 258 -19.34 -2.37 3.77
C GLY A 258 -18.22 -3.39 3.88
N ASN A 259 -17.31 -3.38 2.90
CA ASN A 259 -16.18 -4.30 2.88
C ASN A 259 -14.86 -3.54 2.92
N SER A 260 -14.88 -2.31 3.41
CA SER A 260 -13.70 -1.45 3.42
C SER A 260 -12.84 -1.72 4.65
N THR A 261 -11.73 -1.00 4.74
CA THR A 261 -10.79 -1.13 5.85
C THR A 261 -10.00 0.16 5.99
N PHE A 262 -9.39 0.33 7.17
CA PHE A 262 -8.51 1.47 7.41
C PHE A 262 -7.06 1.20 6.99
N ASN A 263 -6.78 0.00 6.49
CA ASN A 263 -5.46 -0.37 5.99
C ASN A 263 -5.61 -0.96 4.60
N PRO A 264 -5.95 -0.14 3.60
CA PRO A 264 -6.20 -0.70 2.26
C PRO A 264 -4.99 -1.40 1.65
N SER A 265 -3.78 -0.91 1.93
CA SER A 265 -2.57 -1.47 1.33
C SER A 265 -2.25 -2.84 1.92
N GLY A 266 -2.44 -3.01 3.23
CA GLY A 266 -2.09 -4.27 3.86
C GLY A 266 -2.96 -5.43 3.39
N LEU A 267 -4.24 -5.16 3.15
CA LEU A 267 -5.21 -6.18 2.77
C LEU A 267 -5.47 -6.21 1.26
N TRP A 268 -4.50 -5.78 0.46
CA TRP A 268 -4.69 -5.67 -0.98
C TRP A 268 -4.42 -6.98 -1.71
N THR A 269 -3.45 -7.77 -1.25
CA THR A 269 -3.09 -9.02 -1.92
C THR A 269 -3.97 -10.15 -1.40
N GLY A 270 -4.38 -11.03 -2.30
CA GLY A 270 -5.20 -12.17 -1.95
C GLY A 270 -4.56 -13.50 -2.32
N THR A 271 -5.26 -14.57 -1.95
CA THR A 271 -4.83 -15.92 -2.24
C THR A 271 -6.04 -16.73 -2.68
N PHE A 272 -5.87 -17.57 -3.70
CA PHE A 272 -6.96 -18.41 -4.17
C PHE A 272 -6.47 -19.85 -4.31
N THR A 273 -7.39 -20.74 -4.64
CA THR A 273 -7.08 -22.16 -4.82
C THR A 273 -7.70 -22.67 -6.11
N ALA A 274 -7.01 -23.59 -6.77
CA ALA A 274 -7.48 -24.12 -8.04
C ALA A 274 -8.65 -25.09 -7.81
N GLU A 275 -9.45 -25.28 -8.86
CA GLU A 275 -10.62 -26.14 -8.80
C GLU A 275 -10.57 -27.30 -9.78
N SER A 276 -9.47 -27.46 -10.51
CA SER A 276 -9.28 -28.58 -11.44
C SER A 276 -10.40 -28.60 -12.50
N GLY A 277 -10.46 -27.53 -13.27
CA GLY A 277 -11.48 -27.42 -14.29
C GLY A 277 -11.30 -26.16 -15.10
N SER A 278 -12.19 -25.99 -16.08
CA SER A 278 -12.18 -24.82 -16.94
C SER A 278 -13.62 -24.45 -17.29
N VAL A 279 -13.80 -23.18 -17.67
CA VAL A 279 -15.11 -22.72 -18.09
C VAL A 279 -15.48 -23.37 -19.43
N SER A 280 -16.77 -23.66 -19.58
CA SER A 280 -17.25 -24.23 -20.84
C SER A 280 -17.05 -23.23 -21.98
N GLY A 281 -16.58 -23.75 -23.11
CA GLY A 281 -16.28 -22.90 -24.25
C GLY A 281 -14.83 -22.46 -24.30
N GLN A 282 -14.39 -21.70 -23.30
CA GLN A 282 -13.02 -21.23 -23.23
C GLN A 282 -12.18 -22.18 -22.39
N THR A 283 -11.26 -22.89 -23.05
CA THR A 283 -10.38 -23.82 -22.35
C THR A 283 -9.40 -23.12 -21.43
N ASN A 284 -8.98 -21.90 -21.77
CA ASN A 284 -7.93 -21.22 -21.03
C ASN A 284 -8.43 -20.61 -19.73
N TRP A 285 -9.73 -20.50 -19.53
CA TRP A 285 -10.29 -19.87 -18.33
C TRP A 285 -10.40 -20.92 -17.22
N ARG A 286 -9.26 -21.18 -16.59
CA ARG A 286 -9.24 -22.12 -15.48
C ARG A 286 -10.04 -21.56 -14.30
N ILE A 287 -10.85 -22.41 -13.68
CA ILE A 287 -11.69 -22.00 -12.56
C ILE A 287 -11.02 -22.12 -11.19
N ALA A 288 -11.23 -21.15 -10.31
CA ALA A 288 -10.64 -21.17 -8.97
C ALA A 288 -11.59 -20.65 -7.92
N MET A 289 -11.13 -20.42 -6.71
CA MET A 289 -11.98 -19.95 -5.65
C MET A 289 -11.23 -19.08 -4.67
N LEU A 290 -11.76 -17.93 -4.32
CA LEU A 290 -11.06 -17.02 -3.44
C LEU A 290 -11.26 -17.41 -1.98
N ASP A 291 -10.21 -17.75 -1.26
CA ASP A 291 -10.32 -18.25 0.10
C ASP A 291 -10.32 -17.07 1.07
N ASN A 292 -11.19 -17.14 2.08
CA ASN A 292 -11.38 -16.05 3.02
C ASN A 292 -10.78 -16.43 4.37
N PRO A 293 -9.74 -15.74 4.84
CA PRO A 293 -9.21 -16.04 6.19
C PRO A 293 -10.08 -15.49 7.30
N TYR A 294 -10.83 -14.41 7.06
CA TYR A 294 -11.69 -13.84 8.09
C TYR A 294 -13.01 -14.59 8.23
N ASN A 295 -13.37 -15.41 7.24
CA ASN A 295 -14.60 -16.19 7.26
C ASN A 295 -14.27 -17.62 6.83
N PRO A 296 -13.62 -18.39 7.71
CA PRO A 296 -13.22 -19.76 7.34
C PRO A 296 -14.42 -20.63 7.02
N THR A 297 -15.35 -20.75 7.96
CA THR A 297 -16.62 -21.40 7.67
C THR A 297 -17.49 -20.44 6.87
N SER A 298 -18.08 -20.94 5.78
CA SER A 298 -18.81 -20.09 4.84
C SER A 298 -20.14 -19.70 5.48
N ASP A 299 -20.05 -18.81 6.47
CA ASP A 299 -21.24 -18.31 7.13
C ASP A 299 -21.90 -17.23 6.28
N PRO A 300 -23.17 -17.39 5.90
CA PRO A 300 -23.80 -16.43 4.99
C PRO A 300 -24.04 -15.06 5.61
N THR A 301 -23.74 -14.86 6.89
CA THR A 301 -23.90 -13.58 7.55
C THR A 301 -22.63 -12.72 7.49
N LEU A 302 -21.58 -13.21 6.82
CA LEU A 302 -20.32 -12.50 6.68
C LEU A 302 -19.98 -12.34 5.20
N PRO A 303 -19.19 -11.32 4.85
CA PRO A 303 -18.84 -11.11 3.44
C PRO A 303 -18.12 -12.32 2.87
N PRO A 304 -18.41 -12.70 1.62
CA PRO A 304 -17.77 -13.90 1.05
C PRO A 304 -16.30 -13.70 0.71
N VAL A 305 -15.98 -12.57 0.09
CA VAL A 305 -14.59 -12.31 -0.33
C VAL A 305 -13.81 -11.81 0.88
N PRO A 306 -12.49 -11.98 0.91
CA PRO A 306 -11.70 -11.45 2.03
C PRO A 306 -11.76 -9.94 2.07
N ARG A 307 -11.68 -9.41 3.29
CA ARG A 307 -11.80 -7.96 3.49
C ARG A 307 -10.65 -7.23 2.82
N GLY A 308 -11.01 -6.14 2.12
CA GLY A 308 -10.03 -5.32 1.43
C GLY A 308 -9.66 -5.77 0.03
N PHE A 309 -10.28 -6.83 -0.47
CA PHE A 309 -9.95 -7.30 -1.81
C PHE A 309 -10.55 -6.39 -2.87
N CYS A 310 -9.97 -6.44 -4.07
CA CYS A 310 -10.36 -5.54 -5.15
C CYS A 310 -11.81 -5.78 -5.57
N ASP A 311 -12.44 -4.71 -6.07
CA ASP A 311 -13.82 -4.76 -6.53
C ASP A 311 -14.00 -4.02 -7.85
N TRP A 312 -12.95 -3.94 -8.67
CA TRP A 312 -13.04 -3.24 -9.94
C TRP A 312 -14.01 -3.96 -10.87
N GLY A 313 -14.94 -3.20 -11.47
CA GLY A 313 -15.90 -3.79 -12.36
C GLY A 313 -15.33 -4.07 -13.73
N SER A 314 -15.99 -4.99 -14.45
CA SER A 314 -15.53 -5.41 -15.76
C SER A 314 -16.62 -5.44 -16.83
N GLY A 315 -17.88 -5.58 -16.41
CA GLY A 315 -18.97 -5.70 -17.39
C GLY A 315 -19.49 -7.12 -17.45
N VAL A 316 -20.81 -7.29 -17.53
CA VAL A 316 -21.41 -8.66 -17.53
C VAL A 316 -21.09 -9.36 -18.86
N LYS A 317 -20.71 -10.65 -18.81
CA LYS A 317 -20.44 -11.43 -20.04
C LYS A 317 -19.53 -10.63 -20.99
N SER A 318 -18.25 -10.49 -20.63
CA SER A 318 -17.32 -9.67 -21.45
C SER A 318 -16.07 -10.48 -21.81
N GLY A 319 -15.93 -10.86 -23.09
CA GLY A 319 -14.71 -11.57 -23.54
C GLY A 319 -13.90 -10.58 -24.37
N ALA A 320 -14.07 -9.28 -24.10
CA ALA A 320 -13.31 -8.23 -24.82
C ALA A 320 -12.54 -7.40 -23.79
N ARG A 321 -12.88 -7.54 -22.51
CA ARG A 321 -12.15 -6.80 -21.44
C ARG A 321 -12.02 -7.69 -20.20
N GLN A 322 -10.80 -8.13 -19.89
CA GLN A 322 -10.58 -8.96 -18.68
C GLN A 322 -9.54 -8.27 -17.80
N HIS A 323 -9.97 -7.32 -16.96
CA HIS A 323 -9.03 -6.64 -16.03
C HIS A 323 -8.06 -7.70 -15.50
N LEU A 324 -6.76 -7.50 -15.69
CA LEU A 324 -5.78 -8.56 -15.32
C LEU A 324 -5.43 -8.47 -13.83
N VAL A 325 -5.38 -9.63 -13.17
CA VAL A 325 -4.99 -9.67 -11.77
C VAL A 325 -3.49 -9.50 -11.71
N CYS A 326 -2.86 -9.43 -12.87
CA CYS A 326 -1.41 -9.24 -12.96
C CYS A 326 -0.82 -10.32 -12.07
N PHE A 327 -0.01 -9.92 -11.09
CA PHE A 327 0.88 -10.84 -10.41
C PHE A 327 0.20 -12.05 -9.76
N THR A 328 0.46 -13.23 -10.31
CA THR A 328 -0.06 -14.50 -9.83
C THR A 328 1.05 -15.54 -9.88
N GLY A 329 1.09 -16.41 -8.86
CA GLY A 329 2.10 -17.45 -8.82
C GLY A 329 1.67 -18.60 -7.93
N VAL A 330 2.21 -19.78 -8.21
CA VAL A 330 1.94 -20.99 -7.45
C VAL A 330 2.78 -20.98 -6.17
N GLU A 331 2.42 -21.81 -5.21
CA GLU A 331 3.25 -21.96 -4.03
C GLU A 331 4.52 -22.74 -4.37
N THR A 332 5.53 -22.60 -3.52
CA THR A 332 6.85 -23.17 -3.79
C THR A 332 6.98 -24.63 -3.41
N ASP A 333 5.93 -25.25 -2.87
CA ASP A 333 5.99 -26.59 -2.29
C ASP A 333 6.99 -26.66 -1.15
N ASN A 334 7.27 -25.52 -0.53
CA ASN A 334 8.16 -25.43 0.62
C ASN A 334 7.49 -24.78 1.82
N GLY A 335 6.35 -24.12 1.61
CA GLY A 335 5.66 -23.44 2.69
C GLY A 335 6.24 -22.11 3.08
N GLU A 336 7.09 -21.51 2.24
CA GLU A 336 7.74 -20.26 2.58
C GLU A 336 7.52 -19.16 1.55
N GLY A 337 6.73 -19.39 0.51
CA GLY A 337 6.48 -18.33 -0.46
C GLY A 337 5.82 -18.84 -1.71
N TYR A 338 6.05 -18.13 -2.81
CA TYR A 338 5.46 -18.43 -4.10
C TYR A 338 6.54 -18.32 -5.17
N LYS A 339 6.23 -18.84 -6.36
CA LYS A 339 7.23 -18.92 -7.42
C LYS A 339 6.60 -18.54 -8.76
N ASP A 340 7.44 -17.99 -9.64
CA ASP A 340 7.06 -17.64 -11.01
C ASP A 340 5.83 -16.73 -11.03
N VAL A 341 5.89 -15.68 -10.21
CA VAL A 341 4.80 -14.70 -10.16
C VAL A 341 4.86 -13.88 -11.44
N ASP A 342 3.82 -13.98 -12.26
CA ASP A 342 3.79 -13.37 -13.58
C ASP A 342 2.44 -12.74 -13.80
N ALA A 343 2.30 -12.01 -14.90
CA ALA A 343 1.08 -11.26 -15.20
C ALA A 343 0.07 -12.15 -15.90
N HIS A 344 -1.09 -12.32 -15.29
CA HIS A 344 -2.19 -13.10 -15.84
C HIS A 344 -3.49 -12.32 -15.73
N MET A 345 -4.44 -12.66 -16.60
CA MET A 345 -5.76 -12.05 -16.61
C MET A 345 -6.74 -12.88 -15.79
N TRP A 346 -7.68 -12.18 -15.14
CA TRP A 346 -8.65 -12.82 -14.27
C TRP A 346 -9.99 -12.14 -14.42
N ASP A 347 -11.02 -12.80 -13.88
CA ASP A 347 -12.31 -12.15 -13.70
C ASP A 347 -13.12 -12.98 -12.72
N TYR A 348 -14.28 -12.44 -12.33
CA TYR A 348 -15.16 -13.10 -11.37
C TYR A 348 -16.04 -14.12 -12.06
N GLY A 349 -16.17 -15.30 -11.45
CA GLY A 349 -17.12 -16.29 -11.93
C GLY A 349 -16.71 -16.90 -13.26
N ASP A 350 -17.66 -16.96 -14.19
CA ASP A 350 -17.41 -17.51 -15.52
C ASP A 350 -18.07 -16.72 -16.64
N ASP A 351 -18.71 -15.60 -16.36
CA ASP A 351 -19.36 -14.76 -17.36
C ASP A 351 -20.46 -15.51 -18.11
N ALA A 352 -21.07 -16.50 -17.47
CA ALA A 352 -22.18 -17.24 -18.06
C ALA A 352 -23.47 -17.13 -17.24
N THR A 353 -23.41 -17.43 -15.95
CA THR A 353 -24.59 -17.46 -15.09
C THR A 353 -24.78 -16.12 -14.41
N ILE A 354 -26.03 -15.63 -14.42
CA ILE A 354 -26.32 -14.31 -13.87
C ILE A 354 -25.96 -14.26 -12.39
N GLY A 355 -26.18 -15.36 -11.66
CA GLY A 355 -25.90 -15.37 -10.24
C GLY A 355 -24.45 -15.40 -9.83
N LEU A 356 -23.53 -15.69 -10.76
CA LEU A 356 -22.12 -15.72 -10.41
C LEU A 356 -21.21 -15.14 -11.48
N ASP A 357 -21.74 -14.48 -12.51
CA ASP A 357 -20.89 -13.88 -13.53
C ASP A 357 -20.24 -12.59 -13.04
N ASN A 358 -21.07 -11.63 -12.60
CA ASN A 358 -20.58 -10.38 -12.02
C ASN A 358 -21.34 -10.18 -10.71
N THR A 359 -20.86 -10.84 -9.65
CA THR A 359 -21.57 -10.82 -8.38
C THR A 359 -20.64 -10.71 -7.17
N TYR A 360 -19.34 -10.48 -7.38
CA TYR A 360 -18.40 -10.21 -6.29
C TYR A 360 -18.39 -11.33 -5.25
N GLN A 361 -18.01 -12.52 -5.71
CA GLN A 361 -17.96 -13.68 -4.82
C GLN A 361 -16.69 -14.50 -5.01
N ARG A 362 -16.65 -15.69 -4.42
CA ARG A 362 -15.41 -16.44 -4.33
C ARG A 362 -14.97 -17.04 -5.66
N GLN A 363 -15.91 -17.36 -6.54
CA GLN A 363 -15.53 -18.00 -7.81
C GLN A 363 -14.91 -17.00 -8.77
N ILE A 364 -13.76 -17.37 -9.33
CA ILE A 364 -13.07 -16.55 -10.30
C ILE A 364 -12.54 -17.46 -11.39
N TYR A 365 -12.11 -16.87 -12.50
CA TYR A 365 -11.39 -17.60 -13.53
C TYR A 365 -10.12 -16.86 -13.90
N ILE A 366 -9.08 -17.63 -14.21
CA ILE A 366 -7.75 -17.13 -14.58
C ILE A 366 -7.44 -17.65 -15.98
N SER A 367 -6.98 -16.76 -16.86
CA SER A 367 -6.64 -17.15 -18.22
C SER A 367 -5.18 -17.61 -18.26
N ASP A 368 -4.98 -18.88 -18.60
CA ASP A 368 -3.66 -19.49 -18.63
C ASP A 368 -3.66 -20.65 -19.63
N PRO A 369 -2.80 -20.60 -20.66
CA PRO A 369 -2.78 -21.70 -21.64
C PRO A 369 -2.47 -23.05 -21.02
N THR A 370 -1.62 -23.12 -20.02
CA THR A 370 -1.32 -24.36 -19.34
C THR A 370 -2.23 -24.53 -18.11
N ALA A 371 -2.40 -25.79 -17.70
CA ALA A 371 -3.30 -26.10 -16.60
C ALA A 371 -2.70 -25.64 -15.27
N LEU A 372 -3.59 -25.48 -14.28
CA LEU A 372 -3.19 -25.07 -12.95
C LEU A 372 -3.05 -26.28 -12.04
N ASP A 373 -2.08 -26.20 -11.13
CA ASP A 373 -1.89 -27.28 -10.16
C ASP A 373 -3.11 -27.40 -9.27
N SER A 374 -3.75 -28.56 -9.29
CA SER A 374 -5.02 -28.74 -8.59
C SER A 374 -4.82 -28.71 -7.08
N GLY A 375 -5.70 -27.98 -6.41
CA GLY A 375 -5.70 -27.94 -4.95
C GLY A 375 -4.44 -27.35 -4.34
N LYS A 376 -3.87 -26.33 -4.97
CA LYS A 376 -2.70 -25.64 -4.45
C LYS A 376 -2.98 -24.14 -4.41
N ARG A 377 -2.43 -23.48 -3.39
CA ARG A 377 -2.65 -22.06 -3.20
C ARG A 377 -1.87 -21.24 -4.21
N TYR A 378 -2.48 -20.15 -4.68
CA TYR A 378 -1.86 -19.19 -5.58
C TYR A 378 -1.99 -17.79 -5.01
N ILE A 379 -0.97 -16.98 -5.21
CA ILE A 379 -0.96 -15.59 -4.79
C ILE A 379 -1.56 -14.74 -5.91
N ILE A 380 -2.27 -13.67 -5.55
CA ILE A 380 -2.77 -12.71 -6.53
C ILE A 380 -2.60 -11.30 -5.99
N ILE A 381 -2.10 -10.41 -6.82
CA ILE A 381 -1.97 -8.99 -6.49
C ILE A 381 -2.61 -8.19 -7.62
N PRO A 382 -3.92 -7.94 -7.59
CA PRO A 382 -4.59 -7.32 -8.74
C PRO A 382 -4.11 -5.90 -9.03
N MET A 383 -3.53 -5.70 -10.22
CA MET A 383 -3.05 -4.39 -10.62
C MET A 383 -3.04 -4.32 -12.15
N GLY A 384 -4.05 -3.70 -12.72
CA GLY A 384 -4.12 -3.50 -14.15
C GLY A 384 -5.44 -3.92 -14.72
N ALA A 385 -5.73 -3.40 -15.92
CA ALA A 385 -6.93 -3.73 -16.66
C ALA A 385 -6.55 -3.95 -18.12
N SER A 386 -7.17 -4.93 -18.76
CA SER A 386 -6.80 -5.33 -20.11
C SER A 386 -7.96 -5.13 -21.08
N GLY A 387 -7.67 -5.41 -22.35
CA GLY A 387 -8.71 -5.37 -23.37
C GLY A 387 -9.20 -3.95 -23.62
N SER A 388 -10.52 -3.79 -23.68
CA SER A 388 -11.15 -2.50 -23.92
C SER A 388 -11.81 -1.93 -22.68
N ALA A 389 -11.19 -2.12 -21.52
CA ALA A 389 -11.77 -1.68 -20.24
C ALA A 389 -11.51 -0.19 -20.08
N THR A 390 -12.55 0.61 -20.30
CA THR A 390 -12.46 2.05 -20.12
C THR A 390 -12.58 2.41 -18.64
N ASP A 391 -12.66 3.71 -18.36
CA ASP A 391 -12.77 4.17 -16.98
C ASP A 391 -14.14 3.87 -16.41
N ASP A 392 -15.19 3.94 -17.25
CA ASP A 392 -16.55 3.76 -16.76
C ASP A 392 -16.80 2.33 -16.32
N THR A 393 -16.20 1.36 -17.01
CA THR A 393 -16.38 -0.04 -16.64
C THR A 393 -15.73 -0.34 -15.30
N LEU A 394 -14.59 0.29 -15.02
CA LEU A 394 -13.92 0.08 -13.73
C LEU A 394 -14.65 0.81 -12.61
N GLN A 395 -15.40 1.86 -12.95
CA GLN A 395 -16.11 2.64 -11.93
C GLN A 395 -17.18 1.80 -11.24
N ILE A 396 -17.99 1.10 -12.02
CA ILE A 396 -19.01 0.24 -11.44
C ILE A 396 -18.34 -0.91 -10.71
N SER A 397 -19.09 -1.54 -9.81
CA SER A 397 -18.61 -2.68 -9.06
C SER A 397 -19.55 -3.86 -9.24
N PRO A 398 -19.05 -5.09 -9.06
CA PRO A 398 -19.94 -6.25 -9.15
C PRO A 398 -21.04 -6.19 -8.09
N ASN A 399 -22.22 -6.67 -8.46
CA ASN A 399 -23.37 -6.61 -7.58
C ASN A 399 -23.14 -7.47 -6.34
N CYS A 400 -23.85 -7.16 -5.27
CA CYS A 400 -23.77 -7.89 -4.02
C CYS A 400 -25.11 -8.54 -3.71
N TYR A 401 -25.09 -9.85 -3.45
CA TYR A 401 -26.29 -10.60 -3.12
C TYR A 401 -26.04 -11.40 -1.86
N GLY A 402 -27.10 -11.62 -1.09
CA GLY A 402 -27.01 -12.42 0.11
C GLY A 402 -27.63 -11.78 1.33
N SER A 403 -27.14 -12.14 2.51
CA SER A 403 -27.66 -11.62 3.77
C SER A 403 -26.68 -10.71 4.50
N TRP A 404 -25.42 -10.67 4.11
CA TRP A 404 -24.44 -9.82 4.78
C TRP A 404 -24.73 -8.35 4.53
N ASP A 405 -24.35 -7.51 5.49
CA ASP A 405 -24.63 -6.08 5.43
C ASP A 405 -23.57 -5.39 4.58
N TYR A 406 -23.81 -5.38 3.28
CA TYR A 406 -22.92 -4.70 2.35
C TYR A 406 -23.27 -3.23 2.27
N ALA A 407 -22.33 -2.45 1.74
CA ALA A 407 -22.53 -1.01 1.63
C ALA A 407 -23.59 -0.70 0.58
N PRO A 408 -24.56 0.16 0.89
CA PRO A 408 -25.62 0.47 -0.10
C PRO A 408 -25.11 1.36 -1.23
N THR A 409 -26.01 1.76 -2.11
CA THR A 409 -25.69 2.68 -3.19
C THR A 409 -26.00 4.10 -2.73
N ILE A 410 -25.02 5.00 -2.91
CA ILE A 410 -25.12 6.37 -2.44
C ILE A 410 -25.47 7.27 -3.62
N ALA A 411 -26.48 8.11 -3.45
CA ALA A 411 -26.88 9.07 -4.47
C ALA A 411 -26.76 10.47 -3.89
N PRO A 412 -26.04 11.37 -4.55
CA PRO A 412 -25.87 12.72 -4.01
C PRO A 412 -27.18 13.49 -4.03
N PRO A 413 -27.34 14.48 -3.15
CA PRO A 413 -28.57 15.26 -3.15
C PRO A 413 -28.72 16.04 -4.44
N LEU A 414 -29.98 16.34 -4.78
CA LEU A 414 -30.30 17.02 -6.02
C LEU A 414 -29.60 18.38 -6.09
N GLY A 415 -28.87 18.61 -7.17
CA GLY A 415 -28.12 19.83 -7.35
C GLY A 415 -26.69 19.81 -6.85
N GLU A 416 -26.19 18.65 -6.43
CA GLU A 416 -24.83 18.53 -5.93
C GLU A 416 -24.15 17.33 -6.57
N GLN A 417 -22.82 17.38 -6.59
CA GLN A 417 -22.00 16.32 -7.18
C GLN A 417 -20.90 15.92 -6.19
N ILE A 418 -20.05 15.00 -6.61
CA ILE A 418 -19.13 14.31 -5.71
C ILE A 418 -17.69 14.56 -6.15
N VAL A 419 -16.76 14.43 -5.20
CA VAL A 419 -15.32 14.47 -5.44
C VAL A 419 -14.78 13.06 -5.28
N TRP A 420 -13.95 12.62 -6.23
CA TRP A 420 -13.70 11.19 -6.43
C TRP A 420 -12.29 10.71 -6.14
N PHE A 421 -11.36 11.60 -5.75
CA PHE A 421 -10.00 11.18 -5.37
C PHE A 421 -9.38 10.25 -6.42
N ARG A 422 -9.36 10.71 -7.66
CA ARG A 422 -8.99 9.83 -8.75
C ARG A 422 -7.47 9.70 -8.86
N SER A 423 -7.05 8.64 -9.55
CA SER A 423 -5.64 8.33 -9.73
C SER A 423 -5.46 7.56 -11.02
N TYR A 424 -4.22 7.56 -11.53
CA TYR A 424 -3.90 7.05 -12.85
C TYR A 424 -3.29 5.66 -12.74
N LEU A 425 -3.90 4.69 -13.42
CA LEU A 425 -3.47 3.29 -13.38
C LEU A 425 -2.75 2.93 -14.67
N PRO A 426 -1.46 2.59 -14.61
CA PRO A 426 -0.69 2.28 -15.81
C PRO A 426 -1.04 0.90 -16.35
N ALA A 427 -0.30 0.49 -17.38
CA ALA A 427 -0.48 -0.79 -18.04
C ALA A 427 0.74 -1.68 -17.81
N SER A 428 0.49 -2.99 -17.81
CA SER A 428 1.52 -4.02 -17.68
C SER A 428 1.14 -5.17 -18.62
N SER A 429 1.70 -5.13 -19.83
CA SER A 429 1.34 -6.08 -20.87
C SER A 429 2.29 -7.28 -20.84
N THR A 430 2.14 -8.16 -21.83
CA THR A 430 3.00 -9.33 -21.98
C THR A 430 3.28 -9.55 -23.47
N SER A 431 4.54 -9.84 -23.78
CA SER A 431 4.96 -10.07 -25.16
C SER A 431 5.07 -11.57 -25.40
N ALA A 432 3.93 -12.17 -25.76
CA ALA A 432 3.87 -13.60 -26.02
C ALA A 432 2.76 -13.86 -27.03
N SER A 433 2.55 -15.14 -27.34
CA SER A 433 1.52 -15.51 -28.31
C SER A 433 0.13 -15.12 -27.83
N SER A 434 -0.31 -15.70 -26.70
CA SER A 434 -1.59 -15.32 -26.12
C SER A 434 -1.54 -13.88 -25.61
N GLY A 435 -0.47 -13.57 -24.88
CA GLY A 435 -0.23 -12.18 -24.44
C GLY A 435 -1.31 -11.59 -23.56
N VAL A 436 -1.15 -10.30 -23.22
CA VAL A 436 -2.18 -9.60 -22.40
C VAL A 436 -2.51 -8.28 -23.10
N ASN A 437 -3.79 -7.90 -23.11
CA ASN A 437 -4.26 -6.66 -23.79
C ASN A 437 -4.26 -5.50 -22.80
N SER A 438 -3.36 -5.52 -21.81
CA SER A 438 -3.37 -4.49 -20.74
C SER A 438 -3.47 -3.07 -21.32
N VAL A 439 -4.29 -2.23 -20.70
CA VAL A 439 -4.45 -0.80 -21.16
C VAL A 439 -4.31 0.12 -19.94
N SER A 440 -4.11 1.43 -20.16
CA SER A 440 -4.04 2.39 -19.04
C SER A 440 -5.46 2.90 -18.73
N ALA A 441 -5.70 3.34 -17.48
CA ALA A 441 -7.04 3.77 -17.09
C ALA A 441 -6.92 4.68 -15.86
N HIS A 442 -8.05 4.96 -15.23
CA HIS A 442 -8.10 5.74 -14.01
C HIS A 442 -9.01 5.04 -13.01
N ILE A 443 -8.73 5.27 -11.72
CA ILE A 443 -9.50 4.67 -10.62
C ILE A 443 -9.96 5.77 -9.69
N SER A 444 -11.21 5.70 -9.26
CA SER A 444 -11.80 6.70 -8.38
C SER A 444 -12.26 6.05 -7.08
N SER A 445 -12.34 6.86 -6.03
CA SER A 445 -12.77 6.39 -4.71
C SER A 445 -13.69 7.42 -4.09
N LEU A 446 -14.58 6.95 -3.21
CA LEU A 446 -15.54 7.85 -2.58
C LEU A 446 -14.88 8.74 -1.54
N MET A 447 -14.01 8.16 -0.72
CA MET A 447 -13.40 8.89 0.39
C MET A 447 -12.10 8.19 0.75
N SER A 448 -11.16 8.98 1.28
CA SER A 448 -9.90 8.47 1.77
C SER A 448 -9.93 8.34 3.29
N PRO A 449 -9.34 7.28 3.85
CA PRO A 449 -9.43 7.10 5.31
C PRO A 449 -8.75 8.19 6.11
N ASP A 450 -7.83 8.94 5.50
CA ASP A 450 -7.12 9.99 6.23
C ASP A 450 -8.03 11.14 6.62
N LEU A 451 -9.01 11.46 5.77
CA LEU A 451 -9.89 12.59 6.03
C LEU A 451 -10.87 12.26 7.16
N ILE A 452 -11.49 11.07 7.11
CA ILE A 452 -12.51 10.72 8.09
C ILE A 452 -11.87 10.29 9.42
N ARG A 453 -10.58 9.97 9.41
CA ARG A 453 -9.92 9.56 10.65
C ARG A 453 -9.94 10.68 11.68
N SER A 454 -9.76 11.92 11.23
CA SER A 454 -9.76 13.06 12.14
C SER A 454 -11.13 13.26 12.77
N ALA A 455 -12.20 13.05 12.00
CA ALA A 455 -13.54 13.38 12.49
C ALA A 455 -14.11 12.27 13.37
N TYR A 456 -13.36 11.87 14.40
CA TYR A 456 -13.82 10.89 15.37
C TYR A 456 -13.67 11.34 16.82
N VAL A 457 -12.79 12.30 17.11
CA VAL A 457 -12.68 12.82 18.47
C VAL A 457 -13.98 13.50 18.86
N SER A 458 -14.56 14.30 17.96
CA SER A 458 -15.85 14.95 18.17
C SER A 458 -16.70 14.69 16.94
N GLY A 459 -17.63 13.75 17.04
CA GLY A 459 -18.46 13.40 15.90
C GLY A 459 -19.38 14.55 15.50
N PHE A 460 -19.94 14.42 14.30
CA PHE A 460 -20.79 15.47 13.78
C PHE A 460 -22.04 15.63 14.64
N PRO A 461 -22.52 16.86 14.82
CA PRO A 461 -23.75 17.06 15.60
C PRO A 461 -24.95 16.39 14.93
N GLU A 462 -26.08 16.43 15.64
CA GLU A 462 -27.29 15.75 15.19
C GLU A 462 -27.78 16.31 13.86
N GLY A 463 -27.68 15.50 12.80
CA GLY A 463 -28.23 15.82 11.49
C GLY A 463 -27.71 17.16 10.96
N LYS A 464 -26.39 17.31 10.95
CA LYS A 464 -25.74 18.49 10.38
C LYS A 464 -24.52 18.06 9.58
N ALA A 465 -24.38 18.61 8.39
CA ALA A 465 -23.21 18.36 7.57
C ALA A 465 -22.07 19.30 7.99
N ALA A 466 -20.98 19.27 7.23
CA ALA A 466 -19.84 20.14 7.47
C ALA A 466 -19.49 20.89 6.19
N LEU A 467 -19.09 22.15 6.33
CA LEU A 467 -18.64 22.96 5.21
C LEU A 467 -17.12 23.06 5.26
N LEU A 468 -16.45 22.56 4.23
CA LEU A 468 -15.00 22.49 4.19
C LEU A 468 -14.46 23.45 3.15
N ASP A 469 -13.37 24.13 3.49
CA ASP A 469 -12.69 25.05 2.59
C ASP A 469 -11.44 24.38 2.05
N TYR A 470 -11.39 24.17 0.74
CA TYR A 470 -10.21 23.66 0.05
C TYR A 470 -9.45 24.87 -0.49
N VAL A 471 -8.27 25.11 0.07
CA VAL A 471 -7.48 26.30 -0.20
C VAL A 471 -6.35 25.91 -1.15
N LEU A 472 -6.27 26.60 -2.29
CA LEU A 472 -5.27 26.33 -3.31
C LEU A 472 -4.27 27.46 -3.40
N TYR A 473 -3.04 27.11 -3.81
CA TYR A 473 -1.96 28.06 -4.05
C TYR A 473 -1.72 28.95 -2.84
N GLY A 474 -1.83 30.26 -3.02
CA GLY A 474 -1.61 31.20 -1.94
C GLY A 474 -2.89 31.82 -1.43
N GLY A 475 -3.97 31.03 -1.41
CA GLY A 475 -5.25 31.51 -0.94
C GLY A 475 -6.03 32.31 -1.97
N SER A 476 -5.53 32.45 -3.19
CA SER A 476 -6.26 33.21 -4.21
C SER A 476 -7.59 32.56 -4.54
N VAL A 477 -7.61 31.24 -4.66
CA VAL A 477 -8.82 30.49 -4.99
C VAL A 477 -9.12 29.53 -3.83
N VAL A 478 -10.33 29.62 -3.30
CA VAL A 478 -10.80 28.75 -2.22
C VAL A 478 -12.13 28.17 -2.66
N GLU A 479 -12.23 26.84 -2.67
CA GLU A 479 -13.47 26.17 -3.03
C GLU A 479 -14.17 25.64 -1.79
N GLN A 480 -15.48 25.49 -1.86
CA GLN A 480 -16.30 25.07 -0.73
C GLN A 480 -16.92 23.72 -1.04
N PHE A 481 -16.59 22.72 -0.22
CA PHE A 481 -17.17 21.40 -0.30
C PHE A 481 -18.13 21.17 0.87
N LYS A 482 -19.03 20.20 0.72
CA LYS A 482 -19.95 19.81 1.78
C LYS A 482 -19.67 18.34 2.11
N MET A 483 -19.19 18.09 3.33
CA MET A 483 -18.96 16.73 3.78
C MET A 483 -20.13 16.23 4.60
N TYR A 484 -20.62 15.04 4.26
CA TYR A 484 -21.78 14.44 4.89
C TYR A 484 -21.37 13.28 5.80
N ARG A 485 -22.34 12.78 6.54
CA ARG A 485 -22.11 11.70 7.50
C ARG A 485 -22.01 10.34 6.82
N GLU A 486 -22.54 10.18 5.61
CA GLU A 486 -22.46 8.93 4.89
C GLU A 486 -21.07 8.62 4.36
N GLY A 487 -20.18 9.61 4.36
CA GLY A 487 -18.82 9.41 3.91
C GLY A 487 -18.50 9.88 2.50
N TYR A 488 -19.33 10.74 1.91
CA TYR A 488 -19.09 11.26 0.58
C TYR A 488 -18.94 12.77 0.64
N LEU A 489 -18.09 13.30 -0.24
CA LEU A 489 -17.70 14.71 -0.22
C LEU A 489 -18.44 15.44 -1.34
N THR A 490 -19.47 16.19 -0.97
CA THR A 490 -20.24 16.95 -1.95
C THR A 490 -19.50 18.23 -2.33
N ALA A 491 -19.48 18.54 -3.63
CA ALA A 491 -18.76 19.69 -4.16
C ALA A 491 -19.68 20.67 -4.89
N ASN A 492 -20.96 20.74 -4.49
CA ASN A 492 -21.93 21.61 -5.15
C ASN A 492 -21.98 21.33 -6.65
N ALA A 493 -22.14 22.37 -7.46
CA ALA A 493 -22.19 22.21 -8.91
C ALA A 493 -21.13 23.09 -9.57
N GLY A 499 -18.54 19.02 -14.91
CA GLY A 499 -17.46 18.59 -14.05
C GLY A 499 -16.08 18.85 -14.64
N PHE A 500 -15.11 19.11 -13.77
CA PHE A 500 -13.75 19.45 -14.19
C PHE A 500 -12.78 18.77 -13.22
N ILE A 501 -11.52 19.19 -13.26
CA ILE A 501 -10.44 18.54 -12.54
C ILE A 501 -9.85 19.54 -11.55
N ILE A 502 -9.65 19.12 -10.31
CA ILE A 502 -9.12 19.97 -9.25
C ILE A 502 -7.71 19.48 -8.89
N PRO A 503 -6.74 20.37 -8.78
CA PRO A 503 -5.37 19.95 -8.42
C PRO A 503 -5.33 19.46 -6.99
N PRO A 504 -4.35 18.61 -6.65
CA PRO A 504 -4.20 18.14 -5.27
C PRO A 504 -3.33 19.00 -4.38
N ASP A 505 -2.81 20.12 -4.89
CA ASP A 505 -1.91 20.99 -4.13
C ASP A 505 -2.75 21.94 -3.27
N GLY A 506 -3.34 21.38 -2.22
CA GLY A 506 -4.17 22.17 -1.34
C GLY A 506 -4.52 21.38 -0.10
N TYR A 507 -4.94 22.11 0.93
CA TYR A 507 -5.27 21.52 2.22
C TYR A 507 -6.71 21.86 2.60
N PHE A 508 -7.32 20.96 3.35
CA PHE A 508 -8.70 21.14 3.82
C PHE A 508 -8.73 21.97 5.09
N ARG A 509 -9.74 22.81 5.20
CA ARG A 509 -9.94 23.65 6.38
C ARG A 509 -11.41 23.65 6.76
N PHE A 510 -11.69 23.61 8.05
CA PHE A 510 -13.06 23.60 8.55
C PHE A 510 -13.63 25.01 8.57
N ASN A 511 -14.87 25.15 8.13
CA ASN A 511 -15.54 26.45 8.09
C ASN A 511 -16.69 26.53 9.09
N SER A 512 -17.66 25.63 9.01
CA SER A 512 -18.83 25.67 9.89
C SER A 512 -19.62 24.37 9.71
N TRP A 513 -20.69 24.25 10.49
CA TRP A 513 -21.64 23.15 10.39
C TRP A 513 -22.90 23.66 9.72
N VAL A 514 -23.34 22.98 8.67
CA VAL A 514 -24.51 23.39 7.90
C VAL A 514 -25.56 22.29 7.97
N SER A 515 -26.80 22.66 7.64
CA SER A 515 -27.92 21.74 7.63
C SER A 515 -28.19 21.26 6.21
N PRO A 516 -28.21 19.94 5.96
CA PRO A 516 -28.47 19.39 4.63
C PRO A 516 -29.87 19.71 4.12
N PRO B 209 -2.73 19.37 28.45
CA PRO B 209 -3.91 18.72 27.89
C PRO B 209 -3.73 17.22 27.72
N ILE B 210 -4.84 16.48 27.70
CA ILE B 210 -4.80 15.03 27.56
C ILE B 210 -4.76 14.64 26.10
N TRP B 211 -4.40 13.39 25.82
CA TRP B 211 -4.29 12.86 24.46
C TRP B 211 -5.27 11.71 24.31
N GLN B 212 -6.10 11.78 23.28
CA GLN B 212 -7.06 10.72 22.96
C GLN B 212 -6.53 9.90 21.80
N ILE B 213 -6.47 8.59 21.99
CA ILE B 213 -5.99 7.65 20.98
C ILE B 213 -7.17 6.81 20.51
N PRO B 214 -7.44 6.75 19.20
CA PRO B 214 -8.49 5.85 18.73
C PRO B 214 -8.12 4.40 18.95
N PRO B 215 -9.09 3.53 19.21
CA PRO B 215 -8.82 2.12 19.52
C PRO B 215 -8.58 1.25 18.29
N THR B 216 -7.64 1.66 17.43
CA THR B 216 -7.30 0.90 16.25
C THR B 216 -6.18 -0.09 16.58
N PRO B 217 -6.38 -1.38 16.38
CA PRO B 217 -5.32 -2.35 16.67
C PRO B 217 -4.16 -2.20 15.71
N PRO B 218 -2.95 -2.60 16.11
CA PRO B 218 -1.81 -2.58 15.17
C PRO B 218 -2.04 -3.46 13.94
N GLY B 219 -2.93 -4.45 14.02
CA GLY B 219 -3.24 -5.22 12.82
C GLY B 219 -3.94 -4.40 11.75
N ALA B 220 -4.50 -3.26 12.14
CA ALA B 220 -5.15 -2.34 11.21
C ALA B 220 -4.29 -1.12 10.93
N MET B 221 -2.97 -1.25 11.08
CA MET B 221 -2.04 -0.17 10.80
C MET B 221 -1.09 -0.58 9.70
N VAL B 222 -0.59 0.42 8.98
CA VAL B 222 0.31 0.20 7.85
C VAL B 222 1.73 0.04 8.37
N ASN B 223 2.48 -0.90 7.77
CA ASN B 223 3.89 -1.04 8.06
C ASN B 223 4.64 -0.12 7.10
N PRO B 224 5.11 1.06 7.53
CA PRO B 224 5.66 2.02 6.57
C PRO B 224 6.87 1.53 5.81
N ARG B 225 7.73 0.72 6.44
CA ARG B 225 8.94 0.25 5.78
C ARG B 225 8.69 -0.95 4.88
N SER B 226 7.47 -1.48 4.86
CA SER B 226 7.14 -2.61 3.99
C SER B 226 5.64 -2.73 3.82
N PRO B 227 5.01 -1.93 2.96
CA PRO B 227 3.58 -2.13 2.68
C PRO B 227 3.31 -3.48 2.03
N LEU B 228 2.04 -3.78 1.78
CA LEU B 228 1.55 -5.04 1.23
C LEU B 228 1.72 -6.21 2.18
N THR B 229 2.25 -5.98 3.38
CA THR B 229 2.36 -7.02 4.41
C THR B 229 1.81 -6.47 5.70
N PRO B 230 0.69 -6.97 6.20
CA PRO B 230 0.11 -6.43 7.44
C PRO B 230 0.98 -6.74 8.65
N VAL B 231 0.77 -5.95 9.70
CA VAL B 231 1.51 -6.15 10.94
C VAL B 231 1.00 -7.41 11.64
N VAL B 232 1.92 -8.32 11.94
CA VAL B 232 1.55 -9.59 12.55
C VAL B 232 1.82 -9.59 14.06
N ASP B 233 2.89 -8.93 14.49
CA ASP B 233 3.28 -8.93 15.90
C ASP B 233 3.92 -7.60 16.24
N LEU B 234 4.08 -7.36 17.54
CA LEU B 234 4.97 -6.33 18.05
C LEU B 234 6.24 -7.02 18.52
N TYR B 235 7.37 -6.66 17.95
CA TYR B 235 8.61 -7.41 18.12
C TYR B 235 9.57 -6.64 19.01
N ILE B 236 10.12 -7.33 20.01
CA ILE B 236 11.14 -6.78 20.90
C ILE B 236 12.37 -7.67 20.79
N ASN B 237 13.51 -7.06 20.46
CA ASN B 237 14.77 -7.78 20.33
C ASN B 237 15.82 -7.06 21.15
N SER B 238 16.52 -7.82 22.00
CA SER B 238 17.54 -7.22 22.87
C SER B 238 18.83 -6.89 22.12
N SER B 239 19.04 -7.50 20.95
CA SER B 239 20.23 -7.23 20.15
C SER B 239 20.07 -6.01 19.25
N TRP B 240 18.91 -5.37 19.24
CA TRP B 240 18.65 -4.20 18.41
C TRP B 240 18.62 -2.98 19.32
N THR B 241 19.72 -2.24 19.36
CA THR B 241 19.84 -1.05 20.19
C THR B 241 20.02 0.22 19.36
N THR B 242 19.63 0.21 18.09
CA THR B 242 19.76 1.36 17.23
C THR B 242 18.73 1.27 16.10
N CYS B 243 18.59 2.37 15.35
CA CYS B 243 17.70 2.40 14.21
C CYS B 243 18.23 3.44 13.23
N ASN B 244 18.86 2.97 12.16
CA ASN B 244 19.36 3.83 11.09
C ASN B 244 18.46 3.83 9.87
N HIS B 245 17.15 3.68 10.08
CA HIS B 245 16.21 3.59 8.98
C HIS B 245 15.85 4.98 8.47
N GLN B 246 15.41 5.02 7.21
CA GLN B 246 14.92 6.25 6.60
C GLN B 246 13.41 6.23 6.35
N LEU B 247 12.76 5.09 6.55
CA LEU B 247 11.33 4.97 6.40
C LEU B 247 10.71 4.61 7.75
N GLY B 248 9.57 5.21 8.05
CA GLY B 248 8.96 5.07 9.36
C GLY B 248 9.44 6.06 10.40
N ARG B 249 10.19 7.08 9.99
CA ARG B 249 10.72 8.07 10.90
C ARG B 249 9.75 9.24 10.99
N TYR B 250 9.17 9.45 12.17
CA TYR B 250 8.24 10.54 12.42
C TYR B 250 8.60 11.23 13.73
N THR B 251 8.27 12.52 13.81
CA THR B 251 8.52 13.31 15.01
C THR B 251 7.29 14.15 15.32
N ILE B 252 7.18 14.57 16.57
CA ILE B 252 6.05 15.39 16.99
C ILE B 252 6.15 16.80 16.41
N ASP B 253 7.35 17.39 16.45
CA ASP B 253 7.53 18.75 15.96
C ASP B 253 7.88 18.81 14.48
N GLY B 254 8.83 18.00 14.04
CA GLY B 254 9.32 18.06 12.67
C GLY B 254 8.49 17.36 11.63
N GLY B 255 7.44 16.65 12.04
CA GLY B 255 6.62 15.92 11.08
C GLY B 255 7.28 14.64 10.61
N ALA B 256 7.22 14.38 9.30
CA ALA B 256 7.85 13.20 8.72
C ALA B 256 9.30 13.53 8.40
N ILE B 257 10.20 13.13 9.28
CA ILE B 257 11.62 13.43 9.13
C ILE B 257 12.29 12.32 8.33
N GLY B 258 13.47 12.62 7.78
CA GLY B 258 14.22 11.67 7.01
C GLY B 258 13.75 11.55 5.57
N ASN B 259 13.23 10.38 5.19
CA ASN B 259 12.72 10.13 3.86
C ASN B 259 11.38 9.41 3.90
N SER B 260 10.69 9.45 5.04
CA SER B 260 9.44 8.73 5.22
C SER B 260 8.27 9.56 4.70
N THR B 261 7.07 8.98 4.77
CA THR B 261 5.87 9.63 4.28
C THR B 261 4.69 9.17 5.12
N PHE B 262 3.59 9.93 5.04
CA PHE B 262 2.31 9.51 5.60
C PHE B 262 1.50 8.68 4.63
N ASN B 263 2.02 8.42 3.43
CA ASN B 263 1.38 7.56 2.44
C ASN B 263 2.40 6.54 1.95
N PRO B 264 2.73 5.55 2.79
CA PRO B 264 3.80 4.60 2.42
C PRO B 264 3.53 3.83 1.14
N SER B 265 2.29 3.43 0.91
CA SER B 265 1.95 2.60 -0.24
C SER B 265 2.03 3.38 -1.54
N GLY B 266 1.61 4.65 -1.52
CA GLY B 266 1.62 5.46 -2.72
C GLY B 266 3.01 5.71 -3.28
N LEU B 267 3.98 5.96 -2.40
CA LEU B 267 5.35 6.25 -2.80
C LEU B 267 6.25 5.02 -2.73
N TRP B 268 5.70 3.84 -2.94
CA TRP B 268 6.45 2.59 -2.80
C TRP B 268 7.09 2.14 -4.11
N THR B 269 6.45 2.39 -5.25
CA THR B 269 6.98 1.96 -6.54
C THR B 269 7.79 3.09 -7.17
N GLY B 270 8.96 2.74 -7.73
CA GLY B 270 9.82 3.69 -8.38
C GLY B 270 10.04 3.36 -9.85
N THR B 271 10.92 4.16 -10.46
CA THR B 271 11.35 3.92 -11.83
C THR B 271 12.85 4.19 -11.94
N PHE B 272 13.49 3.52 -12.89
CA PHE B 272 14.91 3.73 -13.13
C PHE B 272 15.19 3.77 -14.63
N THR B 273 16.42 4.09 -14.97
CA THR B 273 16.88 4.19 -16.35
C THR B 273 18.14 3.35 -16.52
N ALA B 274 18.21 2.63 -17.64
CA ALA B 274 19.38 1.81 -17.93
C ALA B 274 20.57 2.68 -18.30
N GLU B 275 21.76 2.13 -18.06
CA GLU B 275 22.99 2.90 -18.24
C GLU B 275 23.91 2.31 -19.31
N SER B 276 23.46 1.27 -20.02
CA SER B 276 24.22 0.65 -21.10
C SER B 276 25.60 0.19 -20.63
N GLY B 277 25.59 -0.72 -19.67
CA GLY B 277 26.85 -1.24 -19.14
C GLY B 277 26.59 -2.30 -18.10
N SER B 278 27.69 -2.79 -17.52
CA SER B 278 27.63 -3.80 -16.47
C SER B 278 28.76 -3.53 -15.48
N VAL B 279 28.58 -4.06 -14.26
CA VAL B 279 29.59 -3.90 -13.23
C VAL B 279 30.85 -4.67 -13.64
N SER B 280 32.00 -4.21 -13.15
CA SER B 280 33.25 -4.89 -13.44
C SER B 280 33.27 -6.27 -12.81
N GLY B 281 33.71 -7.26 -13.59
CA GLY B 281 33.76 -8.62 -13.10
C GLY B 281 32.52 -9.43 -13.42
N GLN B 282 31.38 -8.99 -12.92
CA GLN B 282 30.11 -9.69 -13.14
C GLN B 282 29.39 -9.08 -14.33
N THR B 283 29.19 -9.88 -15.37
CA THR B 283 28.56 -9.36 -16.59
C THR B 283 27.05 -9.19 -16.42
N ASN B 284 26.43 -9.99 -15.55
CA ASN B 284 24.97 -10.00 -15.45
C ASN B 284 24.42 -8.76 -14.74
N TRP B 285 25.20 -8.12 -13.88
CA TRP B 285 24.71 -6.99 -13.09
C TRP B 285 24.78 -5.72 -13.93
N ARG B 286 23.72 -5.49 -14.71
CA ARG B 286 23.65 -4.29 -15.52
C ARG B 286 23.41 -3.07 -14.64
N ILE B 287 24.23 -2.03 -14.83
CA ILE B 287 24.14 -0.83 -14.00
C ILE B 287 22.97 0.02 -14.46
N ALA B 288 22.42 0.80 -13.54
CA ALA B 288 21.24 1.61 -13.82
C ALA B 288 21.16 2.73 -12.79
N MET B 289 20.33 3.73 -13.08
CA MET B 289 20.21 4.92 -12.25
C MET B 289 18.76 5.13 -11.84
N LEU B 290 18.54 5.34 -10.54
CA LEU B 290 17.19 5.61 -10.04
C LEU B 290 16.71 6.97 -10.51
N ASP B 291 15.44 7.05 -10.91
CA ASP B 291 14.84 8.28 -11.37
C ASP B 291 14.13 8.98 -10.21
N ASN B 292 14.43 10.26 -10.01
CA ASN B 292 13.87 11.03 -8.91
C ASN B 292 12.99 12.15 -9.45
N PRO B 293 11.66 12.06 -9.33
CA PRO B 293 10.81 13.17 -9.78
C PRO B 293 10.71 14.27 -8.74
N TYR B 294 10.94 13.91 -7.48
CA TYR B 294 10.86 14.87 -6.39
C TYR B 294 12.05 15.82 -6.36
N ASN B 295 13.21 15.38 -6.86
CA ASN B 295 14.42 16.20 -6.92
C ASN B 295 14.98 16.13 -8.34
N PRO B 296 14.37 16.85 -9.29
CA PRO B 296 14.82 16.76 -10.68
C PRO B 296 16.27 17.21 -10.86
N THR B 297 16.56 18.44 -10.45
CA THR B 297 17.94 18.92 -10.44
C THR B 297 18.67 18.31 -9.25
N SER B 298 19.87 17.78 -9.50
CA SER B 298 20.60 17.03 -8.49
C SER B 298 21.16 18.00 -7.44
N ASP B 299 20.26 18.50 -6.60
CA ASP B 299 20.66 19.39 -5.52
C ASP B 299 21.26 18.57 -4.39
N PRO B 300 22.50 18.87 -3.97
CA PRO B 300 23.11 18.10 -2.86
C PRO B 300 22.40 18.29 -1.53
N THR B 301 21.50 19.26 -1.41
CA THR B 301 20.80 19.52 -0.16
C THR B 301 19.46 18.79 -0.08
N LEU B 302 19.16 17.92 -1.04
CA LEU B 302 17.91 17.17 -1.05
C LEU B 302 18.22 15.69 -1.22
N PRO B 303 17.34 14.81 -0.73
CA PRO B 303 17.62 13.37 -0.79
C PRO B 303 17.79 12.89 -2.23
N PRO B 304 18.73 11.98 -2.47
CA PRO B 304 18.97 11.52 -3.84
C PRO B 304 17.87 10.61 -4.37
N VAL B 305 17.45 9.65 -3.56
CA VAL B 305 16.46 8.65 -3.96
C VAL B 305 15.06 9.25 -3.83
N PRO B 306 14.07 8.74 -4.55
CA PRO B 306 12.71 9.26 -4.40
C PRO B 306 12.18 9.01 -3.00
N ARG B 307 11.32 9.93 -2.56
CA ARG B 307 10.71 9.82 -1.24
C ARG B 307 9.87 8.55 -1.13
N GLY B 308 10.04 7.82 -0.03
CA GLY B 308 9.30 6.61 0.20
C GLY B 308 9.85 5.36 -0.44
N PHE B 309 11.00 5.44 -1.11
CA PHE B 309 11.58 4.26 -1.75
C PHE B 309 12.19 3.34 -0.70
N CYS B 310 12.28 2.06 -1.05
CA CYS B 310 12.73 1.04 -0.12
C CYS B 310 14.17 1.29 0.33
N ASP B 311 14.46 0.88 1.58
CA ASP B 311 15.78 1.04 2.15
C ASP B 311 16.25 -0.22 2.86
N TRP B 312 15.77 -1.39 2.43
CA TRP B 312 16.17 -2.64 3.05
C TRP B 312 17.67 -2.86 2.86
N GLY B 313 18.36 -3.21 3.94
CA GLY B 313 19.79 -3.47 3.84
C GLY B 313 20.09 -4.83 3.25
N SER B 314 21.28 -4.93 2.65
CA SER B 314 21.67 -6.15 1.97
C SER B 314 23.04 -6.63 2.41
N GLY B 315 23.79 -5.78 3.09
CA GLY B 315 25.11 -6.13 3.59
C GLY B 315 26.19 -5.20 3.05
N VAL B 316 27.33 -5.24 3.71
CA VAL B 316 28.46 -4.38 3.38
C VAL B 316 29.06 -4.81 2.05
N LYS B 317 29.50 -6.07 1.97
CA LYS B 317 30.17 -6.60 0.79
C LYS B 317 29.80 -8.08 0.70
N SER B 318 28.79 -8.39 -0.10
CA SER B 318 28.27 -9.75 -0.21
C SER B 318 27.69 -9.98 -1.60
N GLY B 319 28.41 -10.71 -2.44
CA GLY B 319 27.84 -11.19 -3.70
C GLY B 319 27.24 -12.59 -3.54
N ALA B 320 26.45 -12.73 -2.48
CA ALA B 320 25.66 -13.92 -2.16
C ALA B 320 24.27 -13.55 -1.67
N ARG B 321 24.09 -12.32 -1.17
CA ARG B 321 22.84 -11.86 -0.59
C ARG B 321 22.39 -10.63 -1.37
N GLN B 322 21.50 -10.83 -2.33
CA GLN B 322 20.97 -9.74 -3.13
C GLN B 322 19.48 -9.56 -2.85
N HIS B 323 18.99 -8.36 -3.15
CA HIS B 323 17.59 -8.01 -2.95
C HIS B 323 16.75 -8.60 -4.07
N LEU B 324 15.48 -8.22 -4.13
CA LEU B 324 14.59 -8.74 -5.17
C LEU B 324 13.56 -7.69 -5.50
N VAL B 325 13.73 -7.00 -6.62
CA VAL B 325 12.69 -6.16 -7.20
C VAL B 325 11.77 -7.14 -7.93
N CYS B 326 10.73 -7.60 -7.23
CA CYS B 326 9.94 -8.72 -7.71
C CYS B 326 9.24 -8.41 -9.02
N PHE B 327 9.17 -7.13 -9.40
CA PHE B 327 8.48 -6.73 -10.62
C PHE B 327 9.28 -5.60 -11.28
N THR B 328 9.97 -5.92 -12.37
CA THR B 328 10.75 -4.97 -13.14
C THR B 328 10.50 -5.24 -14.62
N GLY B 329 10.15 -4.21 -15.37
CA GLY B 329 9.84 -4.38 -16.78
C GLY B 329 10.13 -3.11 -17.55
N VAL B 330 10.31 -3.27 -18.87
CA VAL B 330 10.61 -2.13 -19.73
C VAL B 330 9.32 -1.45 -20.16
N GLU B 331 9.44 -0.21 -20.64
CA GLU B 331 8.28 0.51 -21.13
C GLU B 331 7.72 -0.15 -22.38
N THR B 332 6.49 0.22 -22.73
CA THR B 332 5.77 -0.36 -23.85
C THR B 332 6.08 0.32 -25.18
N ASP B 333 6.96 1.31 -25.18
CA ASP B 333 7.31 2.14 -26.34
C ASP B 333 6.11 2.96 -26.82
N ASN B 334 5.02 3.03 -26.06
CA ASN B 334 3.87 3.84 -26.39
C ASN B 334 3.53 4.86 -25.32
N GLY B 335 4.15 4.79 -24.14
CA GLY B 335 3.86 5.72 -23.08
C GLY B 335 2.63 5.41 -22.27
N GLU B 336 2.06 4.21 -22.44
CA GLU B 336 0.87 3.82 -21.70
C GLU B 336 1.16 2.99 -20.46
N GLY B 337 2.34 2.37 -20.37
CA GLY B 337 2.67 1.54 -19.23
C GLY B 337 3.99 0.82 -19.34
N TYR B 338 4.04 -0.43 -18.91
CA TYR B 338 5.26 -1.23 -18.90
C TYR B 338 4.93 -2.62 -19.42
N LYS B 339 5.96 -3.46 -19.57
CA LYS B 339 5.79 -4.71 -20.29
C LYS B 339 6.73 -5.77 -19.71
N ASP B 340 6.20 -6.99 -19.60
CA ASP B 340 6.95 -8.16 -19.16
C ASP B 340 7.60 -7.93 -17.80
N VAL B 341 6.76 -7.72 -16.80
CA VAL B 341 7.21 -7.48 -15.43
C VAL B 341 7.34 -8.83 -14.73
N ASP B 342 8.52 -9.10 -14.19
CA ASP B 342 8.79 -10.35 -13.50
C ASP B 342 9.88 -10.13 -12.46
N ALA B 343 10.20 -11.19 -11.73
CA ALA B 343 11.13 -11.08 -10.61
C ALA B 343 12.57 -10.94 -11.11
N HIS B 344 13.31 -10.03 -10.48
CA HIS B 344 14.72 -9.82 -10.77
C HIS B 344 15.44 -9.44 -9.48
N MET B 345 16.77 -9.59 -9.49
CA MET B 345 17.60 -9.25 -8.34
C MET B 345 18.20 -7.87 -8.52
N TRP B 346 18.33 -7.13 -7.41
CA TRP B 346 18.90 -5.79 -7.45
C TRP B 346 19.67 -5.52 -6.16
N ASP B 347 20.38 -4.40 -6.15
CA ASP B 347 21.08 -3.89 -4.99
C ASP B 347 21.54 -2.47 -5.29
N TYR B 348 22.03 -1.79 -4.26
CA TYR B 348 22.47 -0.40 -4.38
C TYR B 348 23.92 -0.34 -4.82
N GLY B 349 24.20 0.42 -5.87
CA GLY B 349 25.56 0.71 -6.27
C GLY B 349 26.16 -0.42 -7.10
N ASP B 350 27.39 -0.80 -6.77
CA ASP B 350 28.07 -1.84 -7.52
C ASP B 350 28.74 -2.90 -6.66
N ASP B 351 28.67 -2.79 -5.33
CA ASP B 351 29.29 -3.74 -4.40
C ASP B 351 30.78 -3.89 -4.62
N ALA B 352 31.44 -2.85 -5.13
CA ALA B 352 32.89 -2.84 -5.28
C ALA B 352 33.55 -1.72 -4.49
N THR B 353 33.10 -0.49 -4.65
CA THR B 353 33.72 0.66 -4.00
C THR B 353 33.10 0.89 -2.63
N ILE B 354 33.87 1.57 -1.76
CA ILE B 354 33.42 1.84 -0.40
C ILE B 354 32.24 2.80 -0.40
N GLY B 355 32.20 3.74 -1.35
CA GLY B 355 31.16 4.73 -1.42
C GLY B 355 29.93 4.33 -2.21
N LEU B 356 29.84 3.09 -2.68
CA LEU B 356 28.70 2.66 -3.48
C LEU B 356 28.21 1.27 -3.09
N ASP B 357 28.57 0.79 -1.90
CA ASP B 357 28.05 -0.47 -1.41
C ASP B 357 26.83 -0.28 -0.52
N ASN B 358 26.96 0.53 0.53
CA ASN B 358 25.83 0.98 1.35
C ASN B 358 25.82 2.49 1.27
N THR B 359 25.18 3.02 0.21
CA THR B 359 25.18 4.45 -0.03
C THR B 359 23.78 5.04 -0.19
N TYR B 360 22.78 4.22 -0.47
CA TYR B 360 21.39 4.68 -0.58
C TYR B 360 21.26 5.81 -1.58
N GLN B 361 22.00 5.71 -2.68
CA GLN B 361 21.97 6.69 -3.75
C GLN B 361 21.22 6.12 -4.95
N ARG B 362 21.23 6.88 -6.05
CA ARG B 362 20.41 6.51 -7.20
C ARG B 362 21.04 5.45 -8.10
N GLN B 363 22.27 5.03 -7.83
CA GLN B 363 22.89 4.02 -8.67
C GLN B 363 22.61 2.62 -8.13
N ILE B 364 22.14 1.74 -9.02
CA ILE B 364 21.80 0.37 -8.66
C ILE B 364 22.28 -0.55 -9.77
N TYR B 365 22.16 -1.86 -9.54
CA TYR B 365 22.38 -2.84 -10.59
C TYR B 365 21.26 -3.86 -10.59
N ILE B 366 20.96 -4.41 -11.76
CA ILE B 366 19.90 -5.39 -11.96
C ILE B 366 20.52 -6.64 -12.55
N SER B 367 20.21 -7.80 -11.99
CA SER B 367 20.71 -9.07 -12.48
C SER B 367 19.80 -9.57 -13.60
N ASP B 368 20.38 -9.77 -14.79
CA ASP B 368 19.61 -10.19 -15.95
C ASP B 368 20.55 -10.91 -16.92
N PRO B 369 20.17 -12.11 -17.38
CA PRO B 369 21.03 -12.80 -18.36
C PRO B 369 21.26 -12.01 -19.64
N THR B 370 20.25 -11.28 -20.10
CA THR B 370 20.40 -10.46 -21.30
C THR B 370 20.76 -9.03 -20.89
N ALA B 371 20.79 -8.13 -21.88
CA ALA B 371 21.19 -6.76 -21.66
C ALA B 371 19.98 -5.84 -21.68
N LEU B 372 19.96 -4.88 -20.75
CA LEU B 372 18.85 -3.95 -20.65
C LEU B 372 18.86 -2.98 -21.83
N ASP B 373 17.66 -2.53 -22.21
CA ASP B 373 17.53 -1.56 -23.29
C ASP B 373 18.13 -0.22 -22.85
N SER B 374 19.17 0.22 -23.56
CA SER B 374 19.90 1.41 -23.15
C SER B 374 19.04 2.65 -23.26
N GLY B 375 19.03 3.46 -22.20
CA GLY B 375 18.28 4.70 -22.21
C GLY B 375 16.78 4.54 -22.08
N LYS B 376 16.30 3.34 -21.76
CA LYS B 376 14.88 3.07 -21.65
C LYS B 376 14.50 2.97 -20.19
N ARG B 377 13.29 3.43 -19.86
CA ARG B 377 12.85 3.50 -18.48
C ARG B 377 12.16 2.22 -18.05
N TYR B 378 12.41 1.81 -16.80
CA TYR B 378 11.88 0.59 -16.22
C TYR B 378 11.19 0.90 -14.90
N ILE B 379 10.29 0.01 -14.48
CA ILE B 379 9.54 0.14 -13.23
C ILE B 379 10.23 -0.70 -12.16
N ILE B 380 9.99 -0.35 -10.90
CA ILE B 380 10.59 -1.02 -9.75
C ILE B 380 9.54 -1.15 -8.65
N ILE B 381 9.30 -2.38 -8.21
CA ILE B 381 8.43 -2.66 -7.07
C ILE B 381 9.17 -3.62 -6.14
N PRO B 382 9.91 -3.14 -5.16
CA PRO B 382 10.72 -4.04 -4.32
C PRO B 382 9.85 -4.92 -3.43
N MET B 383 9.87 -6.23 -3.71
CA MET B 383 9.15 -7.20 -2.89
C MET B 383 9.92 -8.51 -2.74
N GLY B 384 10.71 -8.63 -1.69
CA GLY B 384 11.37 -9.89 -1.38
C GLY B 384 12.86 -9.73 -1.23
N ALA B 385 13.48 -10.76 -0.66
CA ALA B 385 14.93 -10.82 -0.51
C ALA B 385 15.39 -12.23 -0.84
N SER B 386 16.56 -12.34 -1.47
CA SER B 386 17.05 -13.62 -1.96
C SER B 386 18.38 -13.98 -1.31
N GLY B 387 18.81 -15.21 -1.56
CA GLY B 387 20.13 -15.64 -1.11
C GLY B 387 20.13 -15.95 0.37
N SER B 388 21.17 -15.49 1.06
CA SER B 388 21.33 -15.70 2.50
C SER B 388 20.77 -14.54 3.32
N ALA B 389 19.72 -13.89 2.85
CA ALA B 389 19.17 -12.71 3.52
C ALA B 389 18.48 -13.12 4.81
N THR B 390 19.10 -12.81 5.94
CA THR B 390 18.49 -13.05 7.23
C THR B 390 17.68 -11.83 7.65
N ASP B 391 17.06 -11.89 8.83
CA ASP B 391 16.29 -10.74 9.32
C ASP B 391 17.21 -9.61 9.75
N ASP B 392 18.38 -9.94 10.30
CA ASP B 392 19.27 -8.91 10.83
C ASP B 392 19.89 -8.10 9.71
N THR B 393 20.13 -8.70 8.55
CA THR B 393 20.70 -7.95 7.43
C THR B 393 19.70 -6.97 6.85
N LEU B 394 18.41 -7.30 6.90
CA LEU B 394 17.38 -6.37 6.41
C LEU B 394 17.12 -5.26 7.43
N GLN B 395 17.33 -5.54 8.72
CA GLN B 395 17.09 -4.51 9.73
C GLN B 395 18.04 -3.33 9.56
N ILE B 396 19.33 -3.62 9.32
CA ILE B 396 20.26 -2.56 8.98
C ILE B 396 19.87 -1.95 7.65
N SER B 397 20.17 -0.66 7.50
CA SER B 397 19.87 0.07 6.28
C SER B 397 21.15 0.68 5.73
N PRO B 398 21.23 0.87 4.42
CA PRO B 398 22.46 1.41 3.83
C PRO B 398 22.80 2.78 4.38
N ASN B 399 24.09 3.02 4.60
CA ASN B 399 24.53 4.28 5.16
C ASN B 399 24.30 5.42 4.17
N CYS B 400 23.91 6.57 4.71
CA CYS B 400 23.68 7.76 3.89
C CYS B 400 24.70 8.79 4.24
N TYR B 401 25.41 9.30 3.24
CA TYR B 401 26.44 10.30 3.46
C TYR B 401 26.08 11.50 2.62
N GLY B 402 26.52 12.68 3.03
CA GLY B 402 26.23 13.87 2.27
C GLY B 402 25.80 15.08 3.06
N SER B 403 25.03 15.96 2.44
CA SER B 403 24.63 17.18 3.11
C SER B 403 23.18 17.23 3.45
N TRP B 404 22.34 16.54 2.68
CA TRP B 404 20.90 16.56 2.89
C TRP B 404 20.55 16.15 4.32
N ASP B 405 19.37 16.57 4.75
CA ASP B 405 18.91 16.38 6.13
C ASP B 405 18.25 15.00 6.25
N TYR B 406 19.08 14.00 6.52
CA TYR B 406 18.58 12.65 6.73
C TYR B 406 18.31 12.40 8.20
N ALA B 407 17.50 11.39 8.47
CA ALA B 407 17.14 11.05 9.84
C ALA B 407 18.34 10.46 10.58
N PRO B 408 18.61 10.89 11.81
CA PRO B 408 19.75 10.35 12.55
C PRO B 408 19.51 8.91 12.98
N THR B 409 20.59 8.27 13.42
CA THR B 409 20.51 6.92 13.96
C THR B 409 20.15 7.02 15.44
N ILE B 410 18.94 6.62 15.78
CA ILE B 410 18.41 6.80 17.12
C ILE B 410 18.82 5.61 17.98
N ALA B 411 18.82 5.83 19.30
CA ALA B 411 19.13 4.79 20.27
C ALA B 411 18.16 4.90 21.43
N PRO B 412 17.75 3.77 22.01
CA PRO B 412 16.77 3.81 23.10
C PRO B 412 17.40 4.34 24.37
N PRO B 413 16.58 4.77 25.34
CA PRO B 413 17.12 5.20 26.62
C PRO B 413 17.82 4.05 27.33
N LEU B 414 18.76 4.40 28.22
CA LEU B 414 19.58 3.41 28.90
C LEU B 414 18.71 2.46 29.71
N GLY B 415 18.76 1.18 29.34
CA GLY B 415 18.02 0.15 30.03
C GLY B 415 16.68 -0.22 29.44
N GLU B 416 16.31 0.34 28.28
CA GLU B 416 15.00 0.10 27.70
C GLU B 416 15.17 -0.37 26.26
N GLN B 417 14.13 -1.02 25.75
CA GLN B 417 14.13 -1.61 24.41
C GLN B 417 13.00 -0.99 23.58
N ILE B 418 12.89 -1.43 22.34
CA ILE B 418 12.04 -0.78 21.35
C ILE B 418 11.05 -1.79 20.79
N VAL B 419 9.80 -1.34 20.55
CA VAL B 419 8.77 -2.11 19.88
C VAL B 419 8.83 -1.80 18.38
N TRP B 420 8.77 -2.85 17.56
CA TRP B 420 9.23 -2.76 16.17
C TRP B 420 8.17 -2.94 15.09
N PHE B 421 6.94 -3.33 15.43
CA PHE B 421 5.87 -3.50 14.44
C PHE B 421 6.32 -4.43 13.30
N ARG B 422 6.60 -5.68 13.67
CA ARG B 422 7.18 -6.61 12.72
C ARG B 422 6.12 -7.13 11.75
N SER B 423 6.60 -7.66 10.62
CA SER B 423 5.74 -8.24 9.60
C SER B 423 6.51 -9.32 8.86
N TYR B 424 5.75 -10.24 8.25
CA TYR B 424 6.31 -11.43 7.62
C TYR B 424 6.37 -11.23 6.11
N LEU B 425 7.56 -11.42 5.52
CA LEU B 425 7.78 -11.23 4.10
C LEU B 425 7.96 -12.59 3.43
N PRO B 426 7.03 -13.01 2.58
CA PRO B 426 7.17 -14.32 1.91
C PRO B 426 8.21 -14.29 0.80
N ALA B 427 8.34 -15.40 0.08
CA ALA B 427 9.35 -15.55 -0.96
C ALA B 427 8.70 -15.47 -2.34
N SER B 428 9.51 -15.06 -3.32
CA SER B 428 9.09 -15.01 -4.73
C SER B 428 10.29 -15.46 -5.57
N SER B 429 10.30 -16.73 -5.93
CA SER B 429 11.42 -17.36 -6.61
C SER B 429 11.11 -17.58 -8.08
N THR B 430 12.10 -18.10 -8.80
CA THR B 430 11.98 -18.42 -10.21
C THR B 430 12.60 -19.79 -10.47
N SER B 431 12.02 -20.56 -11.38
CA SER B 431 12.48 -21.91 -11.69
C SER B 431 12.96 -22.04 -13.12
N ALA B 432 13.73 -21.06 -13.59
CA ALA B 432 14.24 -21.07 -14.95
C ALA B 432 15.51 -20.23 -15.00
N SER B 433 16.24 -20.36 -16.11
CA SER B 433 17.46 -19.60 -16.37
C SER B 433 18.47 -19.78 -15.24
N SER B 434 19.19 -18.69 -14.89
CA SER B 434 20.09 -18.76 -13.75
C SER B 434 19.33 -19.03 -12.46
N GLY B 435 18.17 -18.41 -12.31
CA GLY B 435 17.27 -18.70 -11.21
C GLY B 435 17.37 -17.66 -10.11
N VAL B 436 16.32 -17.63 -9.27
CA VAL B 436 16.29 -16.71 -8.11
C VAL B 436 16.10 -17.56 -6.85
N ASN B 437 17.03 -17.47 -5.90
CA ASN B 437 16.86 -18.23 -4.62
C ASN B 437 16.31 -17.28 -3.55
N SER B 438 15.07 -16.80 -3.74
CA SER B 438 14.44 -15.89 -2.76
C SER B 438 14.17 -16.65 -1.45
N VAL B 439 14.17 -15.95 -0.32
CA VAL B 439 13.95 -16.62 1.00
C VAL B 439 12.88 -15.85 1.78
N SER B 440 12.17 -16.54 2.69
CA SER B 440 11.17 -15.84 3.55
C SER B 440 11.90 -15.15 4.70
N ALA B 441 11.46 -13.94 5.06
CA ALA B 441 12.13 -13.18 6.11
C ALA B 441 11.09 -12.38 6.89
N HIS B 442 11.56 -11.45 7.72
CA HIS B 442 10.70 -10.53 8.45
C HIS B 442 11.26 -9.12 8.31
N ILE B 443 10.37 -8.13 8.43
CA ILE B 443 10.75 -6.73 8.34
C ILE B 443 10.16 -5.97 9.53
N SER B 444 10.93 -5.03 10.07
CA SER B 444 10.52 -4.25 11.22
C SER B 444 10.55 -2.77 10.87
N SER B 445 9.78 -1.99 11.63
CA SER B 445 9.69 -0.55 11.45
C SER B 445 9.84 0.14 12.80
N LEU B 446 9.90 1.48 12.77
CA LEU B 446 9.96 2.22 14.01
C LEU B 446 8.57 2.40 14.61
N MET B 447 7.66 3.00 13.85
CA MET B 447 6.26 3.07 14.22
C MET B 447 5.42 3.40 13.00
N SER B 448 4.16 2.98 13.04
CA SER B 448 3.24 3.25 11.95
C SER B 448 2.77 4.71 12.01
N PRO B 449 2.50 5.33 10.86
CA PRO B 449 1.99 6.71 10.88
C PRO B 449 0.62 6.84 11.53
N ASP B 450 -0.16 5.75 11.59
CA ASP B 450 -1.52 5.81 12.11
C ASP B 450 -1.56 6.18 13.58
N LEU B 451 -0.61 5.65 14.37
CA LEU B 451 -0.60 5.92 15.80
C LEU B 451 -0.23 7.37 16.10
N ILE B 452 0.68 7.94 15.31
CA ILE B 452 1.20 9.27 15.64
C ILE B 452 0.40 10.37 14.97
N ARG B 453 -0.55 10.02 14.09
CA ARG B 453 -1.38 11.05 13.47
C ARG B 453 -2.23 11.78 14.51
N SER B 454 -2.73 11.03 15.51
CA SER B 454 -3.62 11.63 16.49
C SER B 454 -2.89 12.62 17.39
N ALA B 455 -1.60 12.40 17.64
CA ALA B 455 -0.85 13.21 18.60
C ALA B 455 -0.65 14.64 18.15
N TYR B 456 -0.87 14.97 16.87
CA TYR B 456 -0.59 16.31 16.37
C TYR B 456 -1.65 17.33 16.76
N VAL B 457 -2.85 16.89 17.18
CA VAL B 457 -3.87 17.83 17.62
C VAL B 457 -3.40 18.59 18.86
N SER B 458 -2.82 17.86 19.82
CA SER B 458 -2.25 18.45 21.03
C SER B 458 -0.87 17.83 21.22
N GLY B 459 0.17 18.57 20.84
CA GLY B 459 1.52 18.06 20.95
C GLY B 459 1.92 17.81 22.39
N PHE B 460 2.98 17.00 22.54
CA PHE B 460 3.42 16.61 23.87
C PHE B 460 3.92 17.86 24.61
N PRO B 461 3.67 17.96 25.92
CA PRO B 461 4.22 19.07 26.68
C PRO B 461 5.73 19.06 26.66
N GLU B 462 6.32 20.24 26.90
CA GLU B 462 7.75 20.43 26.74
C GLU B 462 8.52 19.46 27.64
N GLY B 463 9.36 18.63 27.01
CA GLY B 463 10.17 17.63 27.71
C GLY B 463 9.31 16.68 28.54
N LYS B 464 8.41 15.97 27.86
CA LYS B 464 7.51 15.04 28.53
C LYS B 464 7.21 13.86 27.60
N ALA B 465 7.35 12.66 28.12
CA ALA B 465 6.95 11.46 27.40
C ALA B 465 5.56 11.02 27.86
N ALA B 466 4.98 10.06 27.13
CA ALA B 466 3.64 9.58 27.43
C ALA B 466 3.67 8.13 27.89
N LEU B 467 2.75 7.78 28.79
CA LEU B 467 2.57 6.40 29.23
C LEU B 467 1.35 5.82 28.54
N LEU B 468 1.54 4.73 27.80
CA LEU B 468 0.49 4.10 27.01
C LEU B 468 0.17 2.73 27.58
N ASP B 469 -1.11 2.40 27.65
CA ASP B 469 -1.58 1.10 28.10
C ASP B 469 -1.98 0.28 26.88
N TYR B 470 -1.31 -0.86 26.69
CA TYR B 470 -1.65 -1.80 25.62
C TYR B 470 -2.45 -2.92 26.27
N VAL B 471 -3.76 -2.92 26.02
CA VAL B 471 -4.69 -3.84 26.68
C VAL B 471 -5.08 -4.91 25.65
N LEU B 472 -4.93 -6.19 26.02
CA LEU B 472 -5.19 -7.29 25.10
C LEU B 472 -6.60 -7.84 25.24
N TYR B 473 -6.96 -8.35 26.42
CA TYR B 473 -8.24 -9.01 26.64
C TYR B 473 -8.92 -8.38 27.85
N GLY B 474 -9.89 -7.51 27.60
CA GLY B 474 -10.64 -6.91 28.69
C GLY B 474 -9.78 -6.10 29.62
N GLY B 475 -9.51 -6.63 30.81
CA GLY B 475 -8.59 -6.01 31.74
C GLY B 475 -7.63 -7.02 32.34
N SER B 476 -7.50 -8.18 31.70
CA SER B 476 -6.67 -9.25 32.24
C SER B 476 -5.20 -8.91 32.16
N VAL B 477 -4.68 -8.69 30.94
CA VAL B 477 -3.29 -8.36 30.73
C VAL B 477 -3.22 -6.97 30.10
N VAL B 478 -2.51 -6.06 30.76
CA VAL B 478 -2.32 -4.70 30.29
C VAL B 478 -0.84 -4.37 30.42
N GLU B 479 -0.17 -4.22 29.28
CA GLU B 479 1.24 -3.88 29.28
C GLU B 479 1.43 -2.37 29.24
N GLN B 480 2.58 -1.92 29.75
CA GLN B 480 2.91 -0.51 29.83
C GLN B 480 4.00 -0.18 28.82
N PHE B 481 3.76 0.84 28.00
CA PHE B 481 4.74 1.34 27.06
C PHE B 481 5.00 2.81 27.35
N LYS B 482 6.19 3.27 26.98
CA LYS B 482 6.55 4.68 27.13
C LYS B 482 6.90 5.23 25.76
N MET B 483 6.15 6.24 25.32
CA MET B 483 6.30 6.82 24.00
C MET B 483 6.99 8.17 24.10
N TYR B 484 8.02 8.38 23.29
CA TYR B 484 8.78 9.61 23.26
C TYR B 484 8.40 10.45 22.04
N ARG B 485 8.86 11.69 22.04
CA ARG B 485 8.55 12.65 20.97
C ARG B 485 9.43 12.45 19.75
N GLU B 486 10.44 11.60 19.81
CA GLU B 486 11.33 11.38 18.67
C GLU B 486 10.81 10.30 17.73
N GLY B 487 9.76 9.57 18.11
CA GLY B 487 9.15 8.61 17.21
C GLY B 487 9.01 7.21 17.77
N TYR B 488 10.00 6.79 18.57
CA TYR B 488 10.01 5.38 19.06
C TYR B 488 9.15 5.22 20.31
N LEU B 489 8.69 3.99 20.55
CA LEU B 489 7.90 3.70 21.77
C LEU B 489 8.67 2.64 22.56
N THR B 490 9.15 2.98 23.75
CA THR B 490 10.00 2.03 24.52
C THR B 490 9.18 1.26 25.52
N ALA B 491 9.69 0.10 25.96
CA ALA B 491 8.99 -0.68 27.00
C ALA B 491 9.82 -0.60 28.29
N ASN B 492 10.67 -1.59 28.55
CA ASN B 492 11.57 -1.57 29.74
C ASN B 492 12.65 -2.63 29.57
N ALA B 493 13.28 -3.06 30.67
CA ALA B 493 14.28 -4.13 30.61
C ALA B 493 14.49 -4.66 29.23
N GLY B 499 13.67 -10.26 24.74
CA GLY B 499 12.39 -9.82 24.23
C GLY B 499 11.54 -10.95 23.69
N PHE B 500 10.25 -10.68 23.46
CA PHE B 500 9.33 -11.67 22.95
C PHE B 500 8.25 -10.97 22.15
N ILE B 501 7.57 -11.73 21.30
CA ILE B 501 6.56 -11.20 20.40
C ILE B 501 5.30 -10.88 21.19
N ILE B 502 4.55 -9.89 20.71
CA ILE B 502 3.32 -9.45 21.37
C ILE B 502 2.19 -9.49 20.34
N PRO B 503 1.02 -10.02 20.70
CA PRO B 503 -0.06 -10.15 19.72
C PRO B 503 -0.54 -8.78 19.26
N PRO B 504 -1.09 -8.68 18.05
CA PRO B 504 -1.55 -7.38 17.53
C PRO B 504 -2.99 -7.03 17.86
N ASP B 505 -3.79 -7.98 18.38
CA ASP B 505 -5.19 -7.70 18.70
C ASP B 505 -5.25 -7.01 20.06
N GLY B 506 -4.96 -5.70 20.05
CA GLY B 506 -4.99 -4.92 21.30
C GLY B 506 -4.99 -3.44 20.98
N TYR B 507 -5.46 -2.60 21.91
CA TYR B 507 -5.56 -1.15 21.61
C TYR B 507 -4.64 -0.36 22.53
N PHE B 508 -4.30 0.86 22.13
CA PHE B 508 -3.42 1.72 22.97
C PHE B 508 -4.29 2.72 23.73
N ARG B 509 -4.07 2.83 25.04
CA ARG B 509 -4.87 3.76 25.88
C ARG B 509 -3.93 4.73 26.60
N PHE B 510 -4.32 5.99 26.71
CA PHE B 510 -3.44 6.97 27.35
C PHE B 510 -3.53 6.95 28.87
N ASN B 511 -2.39 6.87 29.55
CA ASN B 511 -2.38 6.81 31.00
C ASN B 511 -2.07 8.18 31.62
N SER B 512 -0.90 8.74 31.31
CA SER B 512 -0.47 10.00 31.89
C SER B 512 0.78 10.48 31.14
N TRP B 513 1.29 11.63 31.59
CA TRP B 513 2.55 12.17 31.09
C TRP B 513 3.64 11.94 32.13
N VAL B 514 4.76 11.38 31.71
CA VAL B 514 5.85 11.02 32.59
C VAL B 514 7.12 11.74 32.10
N SER B 515 8.12 11.79 32.97
CA SER B 515 9.40 12.37 32.64
C SER B 515 10.42 11.28 32.34
N PRO B 516 11.25 11.46 31.30
CA PRO B 516 12.28 10.48 30.91
C PRO B 516 13.28 10.19 32.01
C1 GLA C . -5.76 -10.88 -29.71
C2 GLA C . -6.42 -11.86 -28.75
C3 GLA C . -6.28 -11.37 -27.32
C4 GLA C . -4.81 -11.10 -27.08
C5 GLA C . -4.29 -10.10 -28.08
C6 GLA C . -2.84 -9.71 -27.80
O1 GLA C . -6.44 -9.64 -29.60
O2 GLA C . -7.79 -11.98 -29.10
O3 GLA C . -6.77 -12.35 -26.40
O4 GLA C . -4.10 -12.30 -27.27
O5 GLA C . -4.41 -10.70 -29.37
O6 GLA C . -2.16 -10.80 -27.17
C1 FUC C . -8.20 -13.34 -28.93
C2 FUC C . -9.53 -13.55 -29.61
C3 FUC C . -9.39 -13.49 -31.13
C4 FUC C . -8.28 -14.41 -31.61
C5 FUC C . -7.00 -14.17 -30.82
C6 FUC C . -5.94 -15.18 -31.23
O2 FUC C . -10.44 -12.54 -29.19
O3 FUC C . -10.62 -13.88 -31.74
O4 FUC C . -8.68 -15.77 -31.44
O5 FUC C . -7.22 -14.27 -29.41
C1 GLA C . -7.22 -11.66 -25.23
C2 GLA C . -7.76 -12.56 -24.15
C3 GLA C . -9.01 -13.21 -24.69
C4 GLA C . -10.02 -12.15 -25.03
C5 GLA C . -9.43 -11.12 -25.98
C6 GLA C . -10.33 -9.88 -26.06
O2 GLA C . -6.81 -13.55 -23.80
O3 GLA C . -9.54 -14.06 -23.67
O4 GLA C . -10.41 -11.51 -23.82
O5 GLA C . -8.18 -10.67 -25.53
O6 GLA C . -9.60 -8.81 -26.67
C1 GLA D . 22.26 -21.16 -8.10
C2 GLA D . 22.79 -19.76 -8.28
C3 GLA D . 21.85 -18.76 -7.65
C4 GLA D . 20.43 -18.96 -8.17
C5 GLA D . 20.01 -20.42 -8.08
C6 GLA D . 18.67 -20.65 -8.77
O1 GLA D . 22.14 -21.41 -6.70
O2 GLA D . 24.06 -19.65 -7.65
O3 GLA D . 22.32 -17.45 -7.96
O4 GLA D . 20.34 -18.56 -9.54
O5 GLA D . 20.99 -21.23 -8.72
O6 GLA D . 17.88 -21.55 -8.00
C1 FUC D . 25.11 -19.99 -8.56
C2 FUC D . 25.41 -18.81 -9.48
C3 FUC D . 25.76 -17.58 -8.65
C4 FUC D . 26.78 -17.89 -7.56
C5 FUC D . 26.47 -19.22 -6.86
C6 FUC D . 27.58 -19.59 -5.88
O2 FUC D . 24.30 -18.53 -10.34
O3 FUC D . 26.30 -16.57 -9.52
O4 FUC D . 28.09 -17.98 -8.12
O5 FUC D . 26.31 -20.23 -7.86
C1 GLA D . 22.06 -16.55 -6.89
C2 GLA D . 22.75 -15.22 -7.16
C3 GLA D . 24.20 -15.19 -6.71
C4 GLA D . 24.37 -15.83 -5.35
C5 GLA D . 23.76 -17.22 -5.39
C6 GLA D . 24.06 -17.99 -4.12
O2 GLA D . 22.73 -14.99 -8.57
O3 GLA D . 24.59 -13.82 -6.63
O4 GLA D . 23.73 -15.06 -4.34
O5 GLA D . 22.37 -17.07 -5.60
O6 GLA D . 23.45 -17.37 -2.99
#